data_6FC1
#
_entry.id   6FC1
#
_cell.length_a   91.712
_cell.length_b   121.726
_cell.length_c   62.348
_cell.angle_alpha   90.00
_cell.angle_beta   132.02
_cell.angle_gamma   90.00
#
_symmetry.space_group_name_H-M   'C 1 2 1'
#
loop_
_entity.id
_entity.type
_entity.pdbx_description
1 polymer 'Eukaryotic translation initiation factor 4E'
2 polymer 'Protein EAP1'
3 non-polymer "7-METHYL-GUANOSINE-5'-TRIPHOSPHATE"
4 non-polymer GLYCEROL
5 water water
#
loop_
_entity_poly.entity_id
_entity_poly.type
_entity_poly.pdbx_seq_one_letter_code
_entity_poly.pdbx_strand_id
1 'polypeptide(L)'
;GPHMTVLSDSAHFDVKHPLNTAWTLWYTKPAVDKSESWSDLLRPVTSFQTVEEFWAIIQNIPEPHELPLKSDYHVFRNDV
RPEWEDEANAKGGKWSFQLRGAGADIDELWLRTLLAVIGETIDEDDSQINGVVLSIRKGGNKFALWTASEDKEPLLRIGG
KFKQVLALTDDGHLEFFPHSSANGRHPQPSITL
;
A,C
2 'polypeptide(L)' GPHMTDPITNYKPMDLQYKTYAYSMNELYHLKPSLASASYEEDPLISELVRSLPKRKFWRLRMG B,D
#
# COMPACT_ATOMS: atom_id res chain seq x y z
N PRO A 2 -35.17 -9.64 9.50
CA PRO A 2 -33.81 -9.71 10.04
C PRO A 2 -32.74 -9.79 8.94
N HIS A 3 -31.56 -9.26 9.23
CA HIS A 3 -30.49 -9.20 8.23
C HIS A 3 -29.17 -9.64 8.86
N MET A 4 -28.33 -10.26 8.04
CA MET A 4 -26.98 -10.58 8.48
C MET A 4 -26.10 -9.37 8.33
N THR A 5 -25.27 -9.13 9.35
CA THR A 5 -24.32 -8.02 9.35
C THR A 5 -22.93 -8.54 9.69
N VAL A 6 -21.90 -7.80 9.25
CA VAL A 6 -20.51 -8.16 9.48
C VAL A 6 -20.08 -7.83 10.90
N LEU A 7 -20.41 -6.64 11.36
CA LEU A 7 -19.84 -6.18 12.61
C LEU A 7 -20.69 -6.75 13.74
N SER A 8 -20.04 -6.97 14.89
CA SER A 8 -20.75 -7.53 16.04
C SER A 8 -21.56 -6.40 16.69
N ASP A 9 -22.62 -6.02 15.97
CA ASP A 9 -23.70 -5.21 16.49
C ASP A 9 -24.91 -6.07 16.84
N SER A 10 -24.65 -7.29 17.30
CA SER A 10 -25.66 -8.32 17.56
C SER A 10 -26.79 -7.85 18.45
N VAL A 15 -12.37 -24.70 20.24
CA VAL A 15 -12.60 -25.56 19.09
C VAL A 15 -12.67 -24.72 17.81
N LYS A 16 -11.56 -24.60 17.08
CA LYS A 16 -11.63 -23.88 15.83
C LYS A 16 -12.33 -24.72 14.77
N HIS A 17 -12.88 -24.02 13.78
CA HIS A 17 -13.68 -24.63 12.74
C HIS A 17 -12.94 -24.50 11.43
N PRO A 18 -12.26 -25.54 10.97
CA PRO A 18 -11.47 -25.43 9.74
C PRO A 18 -12.31 -25.20 8.50
N LEU A 19 -11.70 -24.57 7.51
CA LEU A 19 -12.30 -24.45 6.19
C LEU A 19 -11.73 -25.54 5.27
N ASN A 20 -12.50 -25.85 4.23
CA ASN A 20 -12.08 -26.89 3.28
C ASN A 20 -10.72 -26.58 2.63
N THR A 21 -10.49 -25.32 2.27
CA THR A 21 -9.15 -24.85 1.88
C THR A 21 -8.85 -23.55 2.64
N ALA A 22 -7.57 -23.20 2.66
CA ALA A 22 -7.21 -21.82 2.95
C ALA A 22 -7.67 -20.94 1.82
N TRP A 23 -7.84 -19.66 2.15
CA TRP A 23 -8.22 -18.62 1.22
C TRP A 23 -7.34 -17.42 1.47
N THR A 24 -7.11 -16.63 0.42
CA THR A 24 -6.43 -15.34 0.53
C THR A 24 -7.38 -14.25 0.07
N LEU A 25 -7.46 -13.19 0.85
CA LEU A 25 -8.11 -11.95 0.47
C LEU A 25 -7.13 -11.04 -0.25
N TRP A 26 -7.54 -10.55 -1.42
CA TRP A 26 -6.79 -9.62 -2.26
C TRP A 26 -7.62 -8.35 -2.42
N TYR A 27 -6.92 -7.25 -2.79
CA TYR A 27 -7.58 -5.98 -3.08
C TYR A 27 -7.00 -5.44 -4.37
N THR A 28 -7.89 -4.91 -5.21
CA THR A 28 -7.47 -4.01 -6.30
C THR A 28 -7.67 -2.60 -5.80
N LYS A 29 -6.56 -1.87 -5.70
CA LYS A 29 -6.61 -0.45 -5.36
C LYS A 29 -7.13 0.39 -6.52
N PRO A 30 -7.83 1.48 -6.21
CA PRO A 30 -8.07 2.50 -7.24
C PRO A 30 -6.77 3.22 -7.59
N ALA A 31 -6.56 3.49 -8.88
CA ALA A 31 -5.34 4.16 -9.33
C ALA A 31 -5.34 5.64 -8.92
N VAL A 32 -4.14 6.14 -8.59
CA VAL A 32 -3.99 7.56 -8.29
C VAL A 32 -3.48 8.35 -9.47
N ASP A 33 -3.15 7.70 -10.58
CA ASP A 33 -2.59 8.36 -11.74
C ASP A 33 -2.86 7.47 -12.96
N LYS A 34 -2.36 7.87 -14.11
CA LYS A 34 -2.53 7.14 -15.36
C LYS A 34 -1.38 6.20 -15.63
N SER A 35 -0.41 6.14 -14.74
CA SER A 35 0.74 5.24 -14.90
C SER A 35 0.56 3.91 -14.18
N GLU A 36 -0.10 3.87 -13.03
CA GLU A 36 -0.22 2.63 -12.29
C GLU A 36 -0.96 1.57 -13.13
N SER A 37 -0.43 0.35 -13.12
CA SER A 37 -0.98 -0.76 -13.88
C SER A 37 -1.72 -1.73 -12.95
N TRP A 38 -2.44 -2.67 -13.58
CA TRP A 38 -3.09 -3.74 -12.84
C TRP A 38 -2.10 -4.41 -11.89
N SER A 39 -0.88 -4.68 -12.35
CA SER A 39 0.05 -5.40 -11.49
CA SER A 39 0.10 -5.38 -11.54
C SER A 39 0.53 -4.55 -10.32
N ASP A 40 0.47 -3.22 -10.43
CA ASP A 40 0.71 -2.30 -9.30
C ASP A 40 -0.45 -2.25 -8.31
N LEU A 41 -1.68 -2.36 -8.81
CA LEU A 41 -2.89 -2.11 -8.04
C LEU A 41 -3.40 -3.35 -7.29
N LEU A 42 -3.10 -4.55 -7.78
CA LEU A 42 -3.56 -5.78 -7.16
C LEU A 42 -2.57 -6.22 -6.09
N ARG A 43 -3.05 -6.35 -4.85
CA ARG A 43 -2.19 -6.77 -3.75
C ARG A 43 -2.89 -7.80 -2.87
N PRO A 44 -2.16 -8.81 -2.41
CA PRO A 44 -2.73 -9.72 -1.40
C PRO A 44 -2.79 -9.00 -0.06
N VAL A 45 -3.82 -9.34 0.73
CA VAL A 45 -4.04 -8.72 2.06
C VAL A 45 -3.68 -9.69 3.17
N THR A 46 -4.30 -10.85 3.19
CA THR A 46 -4.15 -11.79 4.28
C THR A 46 -4.73 -13.13 3.83
N SER A 47 -4.38 -14.17 4.57
CA SER A 47 -4.86 -15.51 4.35
CA SER A 47 -4.88 -15.50 4.34
C SER A 47 -5.55 -16.00 5.61
N PHE A 48 -6.45 -16.95 5.43
CA PHE A 48 -7.16 -17.53 6.56
C PHE A 48 -7.61 -18.95 6.21
N GLN A 49 -7.80 -19.76 7.23
CA GLN A 49 -8.19 -21.16 6.98
C GLN A 49 -9.12 -21.67 8.06
N THR A 50 -9.70 -20.82 8.91
CA THR A 50 -10.73 -21.19 9.85
C THR A 50 -11.83 -20.15 9.81
N VAL A 51 -13.00 -20.54 10.32
CA VAL A 51 -14.13 -19.63 10.41
C VAL A 51 -13.80 -18.47 11.33
N GLU A 52 -13.10 -18.75 12.45
CA GLU A 52 -12.75 -17.71 13.41
C GLU A 52 -11.82 -16.67 12.78
N GLU A 53 -10.85 -17.13 12.01
CA GLU A 53 -9.95 -16.20 11.33
C GLU A 53 -10.70 -15.35 10.30
N PHE A 54 -11.58 -15.99 9.53
CA PHE A 54 -12.40 -15.26 8.57
C PHE A 54 -13.14 -14.11 9.24
N TRP A 55 -13.84 -14.39 10.34
CA TRP A 55 -14.66 -13.34 10.95
C TRP A 55 -13.79 -12.21 11.46
N ALA A 56 -12.63 -12.54 12.02
CA ALA A 56 -11.74 -11.48 12.51
C ALA A 56 -11.27 -10.58 11.37
N ILE A 57 -11.00 -11.17 10.20
CA ILE A 57 -10.58 -10.36 9.07
C ILE A 57 -11.72 -9.47 8.59
N ILE A 58 -12.90 -10.05 8.34
CA ILE A 58 -13.94 -9.23 7.71
CA ILE A 58 -13.98 -9.28 7.73
C ILE A 58 -14.46 -8.16 8.66
N GLN A 59 -14.34 -8.36 9.97
CA GLN A 59 -14.72 -7.31 10.91
C GLN A 59 -13.70 -6.19 11.02
N ASN A 60 -12.53 -6.32 10.39
CA ASN A 60 -11.45 -5.36 10.55
C ASN A 60 -10.92 -4.85 9.21
N ILE A 61 -11.71 -5.00 8.15
CA ILE A 61 -11.42 -4.38 6.86
C ILE A 61 -12.64 -3.55 6.47
N PRO A 62 -12.50 -2.64 5.50
CA PRO A 62 -13.65 -1.82 5.12
C PRO A 62 -14.82 -2.67 4.64
N GLU A 63 -16.03 -2.22 4.94
CA GLU A 63 -17.21 -2.84 4.32
C GLU A 63 -17.37 -2.42 2.85
N PRO A 64 -18.05 -3.24 2.05
CA PRO A 64 -18.23 -2.89 0.62
C PRO A 64 -18.75 -1.48 0.40
N HIS A 65 -19.67 -0.99 1.23
CA HIS A 65 -20.25 0.34 0.98
C HIS A 65 -19.22 1.46 1.17
N GLU A 66 -18.08 1.17 1.79
CA GLU A 66 -17.01 2.13 2.02
C GLU A 66 -16.00 2.19 0.88
N LEU A 67 -16.02 1.22 -0.04
CA LEU A 67 -14.93 1.06 -0.98
C LEU A 67 -15.05 2.06 -2.14
N PRO A 68 -13.92 2.46 -2.69
CA PRO A 68 -13.92 3.48 -3.75
C PRO A 68 -14.17 2.87 -5.13
N LEU A 69 -14.61 3.71 -6.05
CA LEU A 69 -14.79 3.31 -7.43
C LEU A 69 -13.50 2.70 -7.98
N LYS A 70 -13.68 1.63 -8.73
CA LYS A 70 -12.66 0.88 -9.44
C LYS A 70 -11.84 -0.02 -8.52
N SER A 71 -12.21 -0.15 -7.26
CA SER A 71 -11.59 -1.15 -6.41
C SER A 71 -12.31 -2.50 -6.57
N ASP A 72 -11.63 -3.55 -6.07
CA ASP A 72 -12.19 -4.90 -6.00
C ASP A 72 -11.74 -5.55 -4.70
N TYR A 73 -12.63 -6.39 -4.14
CA TYR A 73 -12.19 -7.44 -3.23
C TYR A 73 -12.19 -8.78 -3.95
N HIS A 74 -11.16 -9.59 -3.69
CA HIS A 74 -11.13 -10.94 -4.25
C HIS A 74 -10.81 -11.90 -3.13
N VAL A 75 -11.51 -13.03 -3.09
CA VAL A 75 -11.24 -14.07 -2.09
C VAL A 75 -11.06 -15.39 -2.86
N PHE A 76 -9.81 -15.86 -2.91
CA PHE A 76 -9.44 -16.99 -3.78
C PHE A 76 -8.73 -18.06 -2.98
N ARG A 77 -8.86 -19.29 -3.42
CA ARG A 77 -8.23 -20.40 -2.69
C ARG A 77 -6.72 -20.22 -2.71
N ASN A 78 -6.06 -20.66 -1.63
CA ASN A 78 -4.65 -20.32 -1.54
C ASN A 78 -3.92 -20.87 -2.74
N ASP A 79 -2.92 -20.12 -3.18
CA ASP A 79 -2.10 -20.43 -4.35
C ASP A 79 -2.81 -20.20 -5.66
N VAL A 80 -3.91 -19.44 -5.64
CA VAL A 80 -4.53 -19.02 -6.90
C VAL A 80 -4.56 -17.49 -6.93
N ARG A 81 -3.90 -16.89 -7.93
CA ARG A 81 -4.05 -15.47 -8.08
C ARG A 81 -5.38 -15.14 -8.76
N PRO A 82 -5.99 -13.99 -8.42
CA PRO A 82 -7.31 -13.62 -8.99
C PRO A 82 -7.21 -13.00 -10.38
N GLU A 83 -6.59 -13.75 -11.30
CA GLU A 83 -6.18 -13.27 -12.60
C GLU A 83 -6.51 -14.35 -13.63
N TRP A 84 -6.95 -13.92 -14.82
CA TRP A 84 -7.25 -14.84 -15.90
C TRP A 84 -6.01 -15.62 -16.33
N GLU A 85 -4.80 -15.05 -16.14
CA GLU A 85 -3.54 -15.71 -16.51
C GLU A 85 -3.13 -16.83 -15.57
N ASP A 86 -3.74 -16.93 -14.40
CA ASP A 86 -3.31 -17.95 -13.45
C ASP A 86 -3.69 -19.31 -14.00
N GLU A 87 -2.75 -20.26 -13.91
CA GLU A 87 -3.00 -21.64 -14.37
C GLU A 87 -4.37 -22.17 -13.93
N ALA A 88 -4.77 -21.93 -12.69
CA ALA A 88 -6.02 -22.49 -12.20
C ALA A 88 -7.26 -21.88 -12.85
N ASN A 89 -7.15 -20.66 -13.39
CA ASN A 89 -8.29 -19.96 -13.97
C ASN A 89 -8.32 -20.00 -15.50
N ALA A 90 -7.21 -20.35 -16.14
CA ALA A 90 -7.07 -20.09 -17.57
C ALA A 90 -8.06 -20.84 -18.46
N LYS A 91 -8.63 -21.96 -18.01
CA LYS A 91 -9.59 -22.69 -18.82
C LYS A 91 -11.02 -22.45 -18.34
N GLY A 92 -11.21 -21.48 -17.42
CA GLY A 92 -12.51 -21.22 -16.85
C GLY A 92 -13.16 -19.92 -17.26
N GLY A 93 -13.86 -19.31 -16.31
CA GLY A 93 -14.57 -18.08 -16.56
C GLY A 93 -15.21 -17.60 -15.28
N LYS A 94 -16.17 -16.67 -15.43
CA LYS A 94 -16.87 -16.18 -14.25
C LYS A 94 -18.36 -16.04 -14.48
N TRP A 95 -19.15 -16.43 -13.46
CA TRP A 95 -20.54 -16.01 -13.37
C TRP A 95 -20.56 -14.63 -12.72
N SER A 96 -21.19 -13.66 -13.36
CA SER A 96 -21.22 -12.30 -12.86
C SER A 96 -22.64 -11.77 -12.80
N PHE A 97 -22.92 -11.03 -11.75
CA PHE A 97 -24.18 -10.34 -11.52
C PHE A 97 -23.88 -8.88 -11.24
N GLN A 98 -24.57 -7.99 -11.94
CA GLN A 98 -24.36 -6.56 -11.75
C GLN A 98 -25.61 -5.99 -11.10
N LEU A 99 -25.43 -5.43 -9.92
CA LEU A 99 -26.49 -4.84 -9.11
C LEU A 99 -26.69 -3.42 -9.58
N ARG A 100 -27.67 -3.21 -10.44
CA ARG A 100 -27.98 -1.88 -10.94
C ARG A 100 -29.03 -1.24 -10.04
N GLY A 101 -28.90 0.06 -9.82
CA GLY A 101 -29.83 0.77 -8.96
C GLY A 101 -29.19 1.27 -7.68
N ALA A 102 -29.98 1.33 -6.61
CA ALA A 102 -29.48 1.85 -5.34
C ALA A 102 -28.47 0.90 -4.72
N GLY A 103 -28.73 -0.40 -4.79
CA GLY A 103 -27.82 -1.38 -4.23
C GLY A 103 -27.57 -1.23 -2.75
N ALA A 104 -28.60 -0.82 -2.00
CA ALA A 104 -28.46 -0.69 -0.55
C ALA A 104 -28.17 -2.03 0.12
N ASP A 105 -28.35 -3.15 -0.57
CA ASP A 105 -28.11 -4.43 0.06
C ASP A 105 -26.68 -4.92 -0.15
N ILE A 106 -25.74 -4.07 -0.58
CA ILE A 106 -24.44 -4.60 -1.01
C ILE A 106 -23.69 -5.30 0.12
N ASP A 107 -23.68 -4.71 1.31
CA ASP A 107 -22.91 -5.32 2.40
C ASP A 107 -23.45 -6.72 2.71
N GLU A 108 -24.77 -6.87 2.79
CA GLU A 108 -25.34 -8.18 3.12
C GLU A 108 -25.19 -9.17 1.99
N LEU A 109 -25.39 -8.73 0.73
CA LEU A 109 -25.17 -9.60 -0.40
C LEU A 109 -23.74 -10.11 -0.44
N TRP A 110 -22.77 -9.23 -0.18
CA TRP A 110 -21.38 -9.67 -0.18
C TRP A 110 -21.11 -10.64 0.95
N LEU A 111 -21.60 -10.35 2.15
CA LEU A 111 -21.44 -11.29 3.26
C LEU A 111 -22.03 -12.66 2.92
N ARG A 112 -23.26 -12.67 2.43
CA ARG A 112 -23.90 -13.95 2.08
C ARG A 112 -23.07 -14.70 1.05
N THR A 113 -22.59 -13.99 0.04
CA THR A 113 -21.75 -14.62 -0.99
C THR A 113 -20.49 -15.21 -0.38
N LEU A 114 -19.80 -14.45 0.47
CA LEU A 114 -18.60 -14.98 1.10
C LEU A 114 -18.89 -16.21 1.94
N LEU A 115 -19.96 -16.17 2.71
CA LEU A 115 -20.28 -17.32 3.55
C LEU A 115 -20.52 -18.56 2.67
N ALA A 116 -21.26 -18.38 1.58
CA ALA A 116 -21.57 -19.51 0.70
C ALA A 116 -20.31 -20.02 0.02
N VAL A 117 -19.37 -19.14 -0.31
CA VAL A 117 -18.12 -19.55 -0.93
C VAL A 117 -17.24 -20.31 0.07
N ILE A 118 -16.94 -19.70 1.23
CA ILE A 118 -16.04 -20.36 2.15
C ILE A 118 -16.70 -21.58 2.76
N GLY A 119 -18.02 -21.58 2.87
CA GLY A 119 -18.74 -22.72 3.41
C GLY A 119 -18.91 -23.86 2.44
N GLU A 120 -18.48 -23.70 1.19
CA GLU A 120 -18.55 -24.75 0.17
C GLU A 120 -20.00 -25.15 -0.12
N THR A 121 -20.96 -24.24 0.08
CA THR A 121 -22.32 -24.72 -0.09
C THR A 121 -22.79 -24.65 -1.52
N ILE A 122 -22.28 -23.74 -2.34
CA ILE A 122 -22.80 -23.67 -3.69
C ILE A 122 -21.87 -24.26 -4.73
N ASP A 123 -20.62 -24.52 -4.40
CA ASP A 123 -19.67 -25.15 -5.29
C ASP A 123 -20.06 -26.63 -5.47
N GLU A 124 -19.58 -27.20 -6.55
CA GLU A 124 -19.60 -28.64 -6.70
C GLU A 124 -18.61 -29.26 -5.71
N ASP A 125 -18.90 -30.50 -5.30
CA ASP A 125 -17.98 -31.25 -4.47
C ASP A 125 -16.65 -31.47 -5.17
N ASP A 126 -16.70 -31.81 -6.46
CA ASP A 126 -15.52 -31.77 -7.33
C ASP A 126 -15.39 -30.31 -7.78
N SER A 127 -14.56 -29.57 -7.03
CA SER A 127 -14.65 -28.12 -7.02
C SER A 127 -14.48 -27.48 -8.39
N GLN A 128 -15.34 -26.50 -8.65
CA GLN A 128 -15.22 -25.56 -9.75
C GLN A 128 -14.82 -24.18 -9.28
N ILE A 129 -15.36 -23.74 -8.16
CA ILE A 129 -15.14 -22.34 -7.76
C ILE A 129 -13.72 -22.20 -7.26
N ASN A 130 -12.97 -21.27 -7.86
CA ASN A 130 -11.64 -20.89 -7.38
C ASN A 130 -11.65 -19.64 -6.52
N GLY A 131 -12.64 -18.76 -6.70
CA GLY A 131 -12.68 -17.52 -5.93
C GLY A 131 -13.92 -16.74 -6.27
N VAL A 132 -14.03 -15.58 -5.58
CA VAL A 132 -15.15 -14.68 -5.72
C VAL A 132 -14.64 -13.26 -5.69
N VAL A 133 -15.25 -12.39 -6.48
CA VAL A 133 -14.79 -11.01 -6.67
C VAL A 133 -15.97 -10.07 -6.54
N LEU A 134 -15.79 -9.04 -5.72
CA LEU A 134 -16.66 -7.88 -5.63
C LEU A 134 -15.97 -6.73 -6.37
N SER A 135 -16.66 -6.14 -7.32
CA SER A 135 -16.11 -5.04 -8.12
C SER A 135 -16.98 -3.81 -7.96
N ILE A 136 -16.36 -2.69 -7.55
CA ILE A 136 -17.06 -1.43 -7.34
C ILE A 136 -16.93 -0.65 -8.63
N ARG A 137 -18.07 -0.33 -9.28
CA ARG A 137 -18.05 0.28 -10.60
C ARG A 137 -19.18 1.29 -10.70
N LYS A 138 -18.93 2.36 -11.48
CA LYS A 138 -19.88 3.46 -11.60
C LYS A 138 -21.25 2.99 -12.08
N GLY A 139 -21.29 2.04 -13.00
CA GLY A 139 -22.58 1.64 -13.51
C GLY A 139 -23.31 0.59 -12.70
N GLY A 140 -22.79 0.26 -11.51
CA GLY A 140 -23.37 -0.79 -10.69
C GLY A 140 -22.32 -1.78 -10.29
N ASN A 141 -22.33 -2.12 -9.01
CA ASN A 141 -21.36 -3.05 -8.46
C ASN A 141 -21.64 -4.47 -8.91
N LYS A 142 -20.60 -5.27 -8.99
CA LYS A 142 -20.69 -6.62 -9.54
C LYS A 142 -20.20 -7.65 -8.54
N PHE A 143 -20.83 -8.82 -8.59
CA PHE A 143 -20.48 -9.99 -7.80
C PHE A 143 -20.15 -11.12 -8.77
N ALA A 144 -18.99 -11.75 -8.62
CA ALA A 144 -18.63 -12.78 -9.58
C ALA A 144 -17.99 -13.99 -8.94
N LEU A 145 -18.39 -15.18 -9.40
CA LEU A 145 -17.77 -16.43 -9.02
C LEU A 145 -16.87 -16.87 -10.15
N TRP A 146 -15.60 -17.11 -9.83
CA TRP A 146 -14.61 -17.55 -10.82
C TRP A 146 -14.46 -19.06 -10.76
N THR A 147 -14.60 -19.70 -11.93
CA THR A 147 -14.63 -21.16 -12.05
C THR A 147 -13.41 -21.67 -12.79
N ALA A 148 -13.06 -22.93 -12.53
CA ALA A 148 -11.89 -23.53 -13.14
C ALA A 148 -12.14 -24.09 -14.53
N SER A 149 -13.41 -24.26 -14.92
CA SER A 149 -13.76 -24.84 -16.20
C SER A 149 -14.96 -24.14 -16.78
N GLU A 150 -15.29 -24.51 -18.01
CA GLU A 150 -16.53 -24.13 -18.69
C GLU A 150 -17.57 -25.27 -18.70
N ASP A 151 -17.42 -26.28 -17.82
CA ASP A 151 -18.31 -27.46 -17.89
C ASP A 151 -19.76 -27.02 -17.64
N LYS A 152 -20.65 -27.24 -18.62
CA LYS A 152 -21.95 -26.59 -18.59
C LYS A 152 -22.82 -27.04 -17.43
N GLU A 153 -22.98 -28.34 -17.20
CA GLU A 153 -23.91 -28.77 -16.15
C GLU A 153 -23.43 -28.35 -14.78
N PRO A 154 -22.17 -28.55 -14.40
CA PRO A 154 -21.68 -27.97 -13.14
C PRO A 154 -21.88 -26.47 -13.06
N LEU A 155 -21.62 -25.73 -14.15
CA LEU A 155 -21.83 -24.28 -14.10
C LEU A 155 -23.30 -23.92 -13.86
N LEU A 156 -24.22 -24.68 -14.45
CA LEU A 156 -25.63 -24.35 -14.28
C LEU A 156 -26.08 -24.64 -12.86
N ARG A 157 -25.61 -25.73 -12.26
CA ARG A 157 -25.89 -26.01 -10.86
C ARG A 157 -25.38 -24.90 -9.96
N ILE A 158 -24.12 -24.50 -10.12
CA ILE A 158 -23.55 -23.40 -9.33
C ILE A 158 -24.34 -22.12 -9.55
N GLY A 159 -24.63 -21.80 -10.81
CA GLY A 159 -25.34 -20.58 -11.12
C GLY A 159 -26.71 -20.49 -10.46
N GLY A 160 -27.47 -21.58 -10.49
CA GLY A 160 -28.78 -21.55 -9.85
C GLY A 160 -28.69 -21.33 -8.36
N LYS A 161 -27.67 -21.91 -7.72
CA LYS A 161 -27.48 -21.71 -6.28
C LYS A 161 -27.01 -20.29 -5.99
N PHE A 162 -26.15 -19.73 -6.86
CA PHE A 162 -25.68 -18.37 -6.66
C PHE A 162 -26.84 -17.39 -6.74
N LYS A 163 -27.82 -17.62 -7.64
CA LYS A 163 -28.97 -16.72 -7.72
C LYS A 163 -29.72 -16.68 -6.40
N GLN A 164 -29.87 -17.83 -5.74
CA GLN A 164 -30.51 -17.89 -4.43
C GLN A 164 -29.72 -17.13 -3.37
N VAL A 165 -28.40 -17.29 -3.36
CA VAL A 165 -27.58 -16.54 -2.42
C VAL A 165 -27.79 -15.05 -2.59
N LEU A 166 -27.88 -14.60 -3.85
CA LEU A 166 -28.08 -13.17 -4.15
C LEU A 166 -29.53 -12.72 -4.03
N ALA A 167 -30.44 -13.62 -3.69
CA ALA A 167 -31.86 -13.29 -3.55
C ALA A 167 -32.43 -12.73 -4.85
N LEU A 168 -32.00 -13.28 -5.97
CA LEU A 168 -32.53 -12.91 -7.27
C LEU A 168 -33.76 -13.75 -7.57
N THR A 169 -34.83 -13.10 -8.04
CA THR A 169 -36.06 -13.78 -8.40
C THR A 169 -36.37 -13.73 -9.88
N ASP A 170 -35.85 -12.76 -10.62
CA ASP A 170 -36.08 -12.70 -12.06
C ASP A 170 -34.99 -13.48 -12.78
N ASP A 171 -35.20 -13.68 -14.08
CA ASP A 171 -34.23 -14.35 -14.94
C ASP A 171 -33.42 -13.35 -15.75
N GLY A 172 -32.30 -13.82 -16.28
CA GLY A 172 -31.46 -12.99 -17.11
C GLY A 172 -30.47 -12.13 -16.35
N HIS A 173 -30.38 -12.30 -15.03
CA HIS A 173 -29.51 -11.48 -14.19
C HIS A 173 -28.10 -12.02 -14.07
N LEU A 174 -27.88 -13.30 -14.32
CA LEU A 174 -26.57 -13.92 -14.12
C LEU A 174 -25.98 -14.31 -15.48
N GLU A 175 -24.76 -13.88 -15.74
CA GLU A 175 -24.13 -14.11 -17.03
C GLU A 175 -22.77 -14.76 -16.83
N PHE A 176 -22.46 -15.78 -17.63
CA PHE A 176 -21.17 -16.46 -17.59
C PHE A 176 -20.27 -15.96 -18.72
N PHE A 177 -19.06 -15.50 -18.35
CA PHE A 177 -18.09 -14.96 -19.31
C PHE A 177 -16.84 -15.83 -19.30
N PRO A 178 -16.58 -16.61 -20.33
CA PRO A 178 -15.33 -17.38 -20.37
C PRO A 178 -14.12 -16.47 -20.31
N HIS A 179 -13.06 -16.92 -19.64
CA HIS A 179 -11.91 -16.04 -19.58
C HIS A 179 -11.20 -15.87 -20.96
N SER A 180 -11.76 -16.35 -22.07
CA SER A 180 -11.14 -16.21 -23.37
C SER A 180 -11.35 -14.81 -23.98
N GLN A 188 -19.56 -10.29 -24.33
CA GLN A 188 -20.79 -11.07 -24.49
C GLN A 188 -20.73 -12.45 -23.81
N PRO A 189 -21.74 -12.81 -23.05
CA PRO A 189 -21.67 -14.04 -22.25
C PRO A 189 -22.04 -15.28 -23.05
N SER A 190 -21.57 -16.43 -22.55
CA SER A 190 -21.87 -17.72 -23.18
C SER A 190 -23.03 -18.46 -22.52
N ILE A 191 -23.45 -18.04 -21.34
CA ILE A 191 -24.61 -18.62 -20.66
C ILE A 191 -25.25 -17.49 -19.90
N THR A 192 -26.56 -17.52 -19.80
CA THR A 192 -27.31 -16.57 -19.02
C THR A 192 -28.33 -17.35 -18.23
N LEU A 193 -28.54 -16.92 -16.99
CA LEU A 193 -29.46 -17.61 -16.10
C LEU A 193 -30.26 -16.56 -15.35
N GLY B 1 -33.27 -8.58 -2.73
CA GLY B 1 -33.89 -8.46 -1.42
C GLY B 1 -33.59 -9.66 -0.54
N PRO B 2 -32.36 -9.73 -0.01
CA PRO B 2 -32.01 -10.85 0.86
C PRO B 2 -32.57 -10.68 2.26
N HIS B 3 -32.94 -11.81 2.87
CA HIS B 3 -33.41 -11.86 4.25
C HIS B 3 -32.87 -13.12 4.91
N MET B 4 -32.63 -13.02 6.23
CA MET B 4 -32.15 -14.17 6.97
C MET B 4 -33.07 -15.37 6.87
N THR B 5 -34.38 -15.14 6.66
CA THR B 5 -35.32 -16.24 6.53
C THR B 5 -35.23 -16.96 5.19
N ASP B 6 -34.39 -16.51 4.26
CA ASP B 6 -34.31 -17.17 2.97
C ASP B 6 -33.88 -18.63 3.17
N PRO B 7 -34.56 -19.59 2.55
CA PRO B 7 -34.20 -21.00 2.80
C PRO B 7 -32.78 -21.36 2.41
N ILE B 8 -32.16 -20.62 1.48
CA ILE B 8 -30.76 -20.88 1.12
C ILE B 8 -29.86 -20.83 2.36
N THR B 9 -30.24 -20.04 3.37
CA THR B 9 -29.33 -19.82 4.51
C THR B 9 -29.14 -21.07 5.36
N ASN B 10 -30.02 -22.07 5.25
CA ASN B 10 -29.90 -23.31 6.00
C ASN B 10 -29.38 -24.48 5.16
N TYR B 11 -29.11 -24.26 3.88
CA TYR B 11 -28.73 -25.34 2.96
C TYR B 11 -27.26 -25.72 3.17
N LYS B 12 -26.98 -27.02 3.21
CA LYS B 12 -25.62 -27.42 2.98
C LYS B 12 -25.62 -28.75 2.26
N PRO B 13 -24.70 -28.96 1.34
CA PRO B 13 -24.66 -30.25 0.64
C PRO B 13 -24.24 -31.34 1.62
N MET B 14 -24.88 -32.49 1.47
CA MET B 14 -24.61 -33.66 2.30
C MET B 14 -23.98 -34.75 1.44
N ASP B 15 -23.52 -35.80 2.11
CA ASP B 15 -22.95 -36.96 1.43
C ASP B 15 -21.84 -36.56 0.45
N LEU B 16 -21.00 -35.61 0.86
CA LEU B 16 -19.84 -35.23 0.07
C LEU B 16 -18.81 -36.36 -0.01
N GLN B 17 -18.01 -36.32 -1.08
CA GLN B 17 -16.95 -37.28 -1.32
CA GLN B 17 -16.94 -37.28 -1.33
C GLN B 17 -15.56 -36.66 -1.24
N TYR B 18 -15.39 -35.44 -1.78
CA TYR B 18 -14.07 -34.82 -1.79
C TYR B 18 -13.82 -33.94 -0.57
N LYS B 19 -14.81 -33.17 -0.16
CA LYS B 19 -14.61 -32.14 0.85
C LYS B 19 -15.10 -32.63 2.21
N THR B 20 -14.29 -32.41 3.26
CA THR B 20 -14.73 -32.66 4.62
C THR B 20 -15.58 -31.51 5.15
N TYR B 21 -15.09 -30.29 5.01
CA TYR B 21 -15.63 -29.13 5.71
C TYR B 21 -16.58 -28.36 4.81
N ALA B 22 -17.86 -28.41 5.14
CA ALA B 22 -18.88 -27.57 4.51
C ALA B 22 -19.78 -27.06 5.63
N TYR B 23 -20.31 -25.85 5.46
CA TYR B 23 -21.10 -25.19 6.49
C TYR B 23 -22.22 -24.40 5.83
N SER B 24 -23.42 -24.45 6.41
CA SER B 24 -24.46 -23.57 5.93
C SER B 24 -24.15 -22.14 6.32
N MET B 25 -24.80 -21.21 5.64
CA MET B 25 -24.65 -19.80 5.99
CA MET B 25 -24.63 -19.80 5.99
C MET B 25 -25.01 -19.56 7.45
N ASN B 26 -26.06 -20.22 7.94
CA ASN B 26 -26.47 -20.02 9.33
C ASN B 26 -25.45 -20.60 10.31
N GLU B 27 -24.85 -21.74 9.96
CA GLU B 27 -23.79 -22.27 10.82
C GLU B 27 -22.64 -21.27 10.93
N LEU B 28 -22.22 -20.69 9.80
CA LEU B 28 -21.14 -19.72 9.85
C LEU B 28 -21.53 -18.45 10.59
N TYR B 29 -22.78 -18.03 10.44
CA TYR B 29 -23.21 -16.79 11.09
C TYR B 29 -23.31 -16.98 12.58
N HIS B 30 -23.67 -18.19 13.02
CA HIS B 30 -23.68 -18.51 14.44
CA HIS B 30 -23.68 -18.52 14.45
C HIS B 30 -22.28 -18.48 15.05
N LEU B 31 -21.25 -18.62 14.24
CA LEU B 31 -19.87 -18.57 14.73
C LEU B 31 -19.27 -17.16 14.71
N LYS B 32 -20.06 -16.17 14.32
CA LYS B 32 -19.62 -14.79 14.45
C LYS B 32 -19.18 -14.51 15.88
N PRO B 33 -18.09 -13.78 16.07
CA PRO B 33 -17.60 -13.59 17.42
C PRO B 33 -18.57 -12.72 18.19
N SER B 34 -18.62 -12.97 19.48
CA SER B 34 -19.29 -12.07 20.40
C SER B 34 -18.49 -10.78 20.53
N LEU B 35 -19.12 -9.74 21.08
CA LEU B 35 -18.36 -8.50 21.26
C LEU B 35 -17.10 -8.75 22.08
N ALA B 36 -17.18 -9.58 23.13
CA ALA B 36 -16.01 -9.84 23.96
C ALA B 36 -14.95 -10.59 23.20
N SER B 37 -15.36 -11.58 22.41
CA SER B 37 -14.37 -12.38 21.67
C SER B 37 -13.74 -11.61 20.53
N ALA B 38 -14.30 -10.46 20.16
CA ALA B 38 -13.73 -9.58 19.16
C ALA B 38 -12.98 -8.41 19.79
N SER B 39 -12.84 -8.38 21.12
CA SER B 39 -12.20 -7.24 21.81
C SER B 39 -11.46 -7.71 23.06
N TYR B 40 -12.04 -7.48 24.24
CA TYR B 40 -11.30 -7.63 25.51
C TYR B 40 -11.10 -9.10 25.94
N GLU B 41 -11.75 -10.07 25.28
CA GLU B 41 -11.45 -11.49 25.46
C GLU B 41 -11.00 -12.14 24.15
N GLU B 42 -10.49 -11.37 23.21
CA GLU B 42 -10.08 -11.94 21.93
C GLU B 42 -8.90 -12.90 22.12
N ASP B 43 -8.95 -14.01 21.41
CA ASP B 43 -7.86 -14.96 21.44
C ASP B 43 -6.60 -14.23 21.01
N PRO B 44 -5.52 -14.29 21.77
CA PRO B 44 -4.32 -13.56 21.38
C PRO B 44 -3.80 -13.90 19.99
N LEU B 45 -4.00 -15.14 19.53
CA LEU B 45 -3.54 -15.51 18.20
C LEU B 45 -4.36 -14.79 17.14
N ILE B 46 -5.65 -14.60 17.39
CA ILE B 46 -6.49 -13.82 16.48
C ILE B 46 -6.10 -12.36 16.51
N SER B 47 -5.77 -11.85 17.70
CA SER B 47 -5.29 -10.48 17.77
C SER B 47 -4.07 -10.26 16.91
N GLU B 48 -3.14 -11.22 16.87
CA GLU B 48 -1.95 -11.08 16.02
C GLU B 48 -2.36 -10.99 14.56
N LEU B 49 -3.34 -11.80 14.14
CA LEU B 49 -3.79 -11.72 12.75
C LEU B 49 -4.37 -10.34 12.47
N VAL B 50 -5.24 -9.84 13.35
CA VAL B 50 -5.85 -8.54 13.12
C VAL B 50 -4.76 -7.44 13.01
N ARG B 51 -3.77 -7.51 13.89
CA ARG B 51 -2.72 -6.50 13.90
C ARG B 51 -1.86 -6.55 12.64
N SER B 52 -1.82 -7.70 11.95
CA SER B 52 -1.07 -7.82 10.69
C SER B 52 -1.80 -7.23 9.48
N LEU B 53 -3.08 -6.86 9.61
CA LEU B 53 -3.83 -6.32 8.49
C LEU B 53 -3.29 -4.93 8.13
N PRO B 54 -3.52 -4.47 6.90
CA PRO B 54 -3.01 -3.16 6.51
C PRO B 54 -3.65 -2.03 7.29
N LYS B 55 -2.86 -0.97 7.45
CA LYS B 55 -3.37 0.30 7.95
C LYS B 55 -4.33 0.90 6.93
N ARG B 56 -5.17 1.82 7.40
CA ARG B 56 -6.28 2.32 6.61
C ARG B 56 -5.83 2.97 5.32
N LYS B 57 -4.65 3.59 5.31
CA LYS B 57 -4.14 4.22 4.08
C LYS B 57 -4.04 3.25 2.89
N PHE B 58 -3.90 1.94 3.14
CA PHE B 58 -3.70 0.97 2.07
C PHE B 58 -4.86 1.00 1.09
N TRP B 59 -6.08 1.12 1.61
CA TRP B 59 -7.28 0.95 0.79
C TRP B 59 -7.55 2.14 -0.14
N ARG B 60 -6.94 3.29 0.10
CA ARG B 60 -7.14 4.50 -0.71
C ARG B 60 -8.62 4.88 -0.74
N LEU B 61 -9.26 4.92 0.43
CA LEU B 61 -10.70 5.15 0.49
C LEU B 61 -11.12 6.52 -0.02
N ARG B 62 -10.23 7.51 -0.05
CA ARG B 62 -10.61 8.81 -0.55
C ARG B 62 -10.41 9.00 -2.05
N MET B 63 -10.02 7.96 -2.79
CA MET B 63 -9.68 8.12 -4.21
C MET B 63 -10.90 7.92 -5.11
N GLY B 64 -11.65 9.00 -5.35
CA GLY B 64 -12.75 8.95 -6.30
C GLY B 64 -12.39 9.21 -7.78
N PRO C 2 33.40 7.24 -11.42
CA PRO C 2 33.24 6.38 -10.23
C PRO C 2 32.36 7.03 -9.17
N HIS C 3 31.78 8.17 -9.56
CA HIS C 3 30.99 9.01 -8.67
C HIS C 3 29.75 9.56 -9.37
N MET C 4 28.63 9.53 -8.65
CA MET C 4 27.40 10.20 -9.09
C MET C 4 27.51 11.70 -8.86
N THR C 5 27.06 12.46 -9.87
CA THR C 5 27.08 13.92 -9.83
C THR C 5 25.74 14.45 -10.34
N VAL C 6 25.47 15.71 -9.99
CA VAL C 6 24.19 16.35 -10.30
C VAL C 6 24.20 16.89 -11.73
N LEU C 7 25.10 17.83 -11.98
CA LEU C 7 25.19 18.42 -13.31
C LEU C 7 25.54 17.32 -14.29
N SER C 8 24.97 17.41 -15.48
CA SER C 8 25.04 16.33 -16.45
C SER C 8 26.26 16.47 -17.35
N PHE C 13 11.56 15.35 -23.97
CA PHE C 13 10.29 14.71 -23.62
C PHE C 13 10.38 13.18 -23.71
N ASP C 14 9.84 12.51 -22.69
CA ASP C 14 9.67 11.06 -22.67
C ASP C 14 8.69 10.75 -21.54
N VAL C 15 8.50 9.48 -21.22
CA VAL C 15 7.45 9.16 -20.26
C VAL C 15 7.92 9.51 -18.87
N LYS C 16 6.98 9.92 -18.07
CA LYS C 16 7.27 10.33 -16.72
C LYS C 16 7.31 9.15 -15.74
N HIS C 17 8.13 9.31 -14.73
CA HIS C 17 8.30 8.32 -13.68
C HIS C 17 7.79 8.89 -12.38
N PRO C 18 6.57 8.57 -11.96
CA PRO C 18 6.04 9.16 -10.72
C PRO C 18 6.79 8.75 -9.48
N LEU C 19 6.70 9.62 -8.49
CA LEU C 19 7.16 9.32 -7.13
C LEU C 19 6.00 8.83 -6.28
N ASN C 20 6.34 8.08 -5.22
CA ASN C 20 5.35 7.57 -4.29
C ASN C 20 4.55 8.69 -3.66
N THR C 21 5.20 9.79 -3.23
CA THR C 21 4.53 11.00 -2.80
C THR C 21 5.19 12.19 -3.48
N ALA C 22 4.46 13.28 -3.49
CA ALA C 22 5.07 14.59 -3.72
C ALA C 22 5.99 14.94 -2.55
N TRP C 23 6.99 15.73 -2.87
CA TRP C 23 7.93 16.26 -1.88
C TRP C 23 8.08 17.76 -2.10
N THR C 24 8.46 18.46 -1.03
CA THR C 24 8.78 19.89 -1.05
C THR C 24 10.21 20.07 -0.56
N LEU C 25 10.98 20.81 -1.34
CA LEU C 25 12.30 21.29 -0.92
C LEU C 25 12.12 22.59 -0.18
N TRP C 26 12.79 22.69 0.97
CA TRP C 26 12.82 23.89 1.79
C TRP C 26 14.29 24.25 2.00
N TYR C 27 14.50 25.52 2.37
CA TYR C 27 15.83 26.02 2.67
C TYR C 27 15.78 26.81 3.98
N THR C 28 16.79 26.61 4.84
CA THR C 28 17.02 27.55 5.92
C THR C 28 18.16 28.46 5.50
N LYS C 29 17.86 29.76 5.39
CA LYS C 29 18.85 30.75 5.07
C LYS C 29 19.79 30.98 6.25
N PRO C 30 21.04 31.35 5.98
CA PRO C 30 21.88 31.91 7.04
C PRO C 30 21.41 33.29 7.42
N ALA C 31 21.42 33.59 8.71
CA ALA C 31 20.99 34.92 9.14
C ALA C 31 21.99 35.99 8.71
N VAL C 32 21.47 37.18 8.43
CA VAL C 32 22.30 38.33 8.12
C VAL C 32 22.44 39.29 9.29
N ASP C 33 21.75 39.02 10.39
CA ASP C 33 21.85 39.87 11.57
C ASP C 33 21.55 39.02 12.78
N LYS C 34 21.51 39.64 13.94
CA LYS C 34 21.26 38.91 15.16
C LYS C 34 19.79 38.87 15.52
N SER C 35 18.91 39.42 14.67
CA SER C 35 17.48 39.39 14.95
C SER C 35 16.74 38.30 14.18
N GLU C 36 17.17 37.92 12.97
CA GLU C 36 16.42 36.94 12.19
C GLU C 36 16.36 35.61 12.93
N SER C 37 15.17 35.04 13.02
CA SER C 37 14.95 33.77 13.69
C SER C 37 14.65 32.65 12.70
N TRP C 38 14.53 31.45 13.24
CA TRP C 38 14.18 30.28 12.46
C TRP C 38 12.97 30.52 11.58
N SER C 39 11.90 31.12 12.13
CA SER C 39 10.68 31.32 11.36
C SER C 39 10.89 32.30 10.21
N ASP C 40 11.83 33.23 10.35
CA ASP C 40 12.21 34.11 9.26
C ASP C 40 13.05 33.39 8.21
N LEU C 41 13.91 32.46 8.62
CA LEU C 41 14.96 31.91 7.76
C LEU C 41 14.52 30.66 7.00
N LEU C 42 13.54 29.93 7.52
CA LEU C 42 13.04 28.75 6.85
C LEU C 42 12.01 29.11 5.79
N ARG C 43 12.23 28.67 4.55
CA ARG C 43 11.30 28.98 3.46
C ARG C 43 11.13 27.79 2.54
N PRO C 44 9.91 27.54 2.08
CA PRO C 44 9.71 26.51 1.05
C PRO C 44 10.17 27.03 -0.30
N VAL C 45 10.75 26.14 -1.08
CA VAL C 45 11.31 26.46 -2.39
C VAL C 45 10.42 25.97 -3.52
N THR C 46 10.18 24.66 -3.57
CA THR C 46 9.46 24.11 -4.71
C THR C 46 8.98 22.73 -4.32
N SER C 47 8.06 22.20 -5.12
CA SER C 47 7.58 20.85 -4.92
CA SER C 47 7.57 20.85 -4.92
C SER C 47 7.71 20.05 -6.20
N PHE C 48 7.86 18.73 -6.06
CA PHE C 48 8.00 17.85 -7.22
C PHE C 48 7.37 16.50 -6.92
N GLN C 49 6.98 15.82 -7.96
CA GLN C 49 6.34 14.51 -7.76
C GLN C 49 6.68 13.53 -8.88
N THR C 50 7.68 13.81 -9.69
CA THR C 50 8.21 12.84 -10.64
C THR C 50 9.73 12.89 -10.57
N VAL C 51 10.37 11.84 -11.09
CA VAL C 51 11.81 11.78 -11.14
C VAL C 51 12.34 12.93 -12.03
N GLU C 52 11.65 13.19 -13.15
CA GLU C 52 12.07 14.22 -14.08
C GLU C 52 12.00 15.61 -13.45
N GLU C 53 10.94 15.89 -12.70
CA GLU C 53 10.88 17.15 -11.96
C GLU C 53 12.03 17.25 -10.93
N PHE C 54 12.30 16.18 -10.20
CA PHE C 54 13.40 16.15 -9.26
C PHE C 54 14.70 16.57 -9.92
N TRP C 55 15.06 15.94 -11.04
CA TRP C 55 16.32 16.25 -11.70
C TRP C 55 16.34 17.70 -12.17
N ALA C 56 15.21 18.22 -12.68
CA ALA C 56 15.17 19.61 -13.13
C ALA C 56 15.45 20.56 -11.98
N ILE C 57 14.93 20.23 -10.79
CA ILE C 57 15.16 21.08 -9.63
C ILE C 57 16.60 21.00 -9.21
N ILE C 58 17.10 19.78 -9.00
CA ILE C 58 18.42 19.62 -8.37
C ILE C 58 19.52 20.18 -9.27
N GLN C 59 19.30 20.17 -10.58
CA GLN C 59 20.28 20.77 -11.49
C GLN C 59 20.24 22.29 -11.55
N ASN C 60 19.27 22.91 -10.85
CA ASN C 60 19.09 24.37 -10.93
C ASN C 60 19.04 25.02 -9.56
N ILE C 61 19.56 24.36 -8.54
CA ILE C 61 19.77 24.93 -7.21
C ILE C 61 21.21 24.70 -6.81
N PRO C 62 21.69 25.43 -5.82
CA PRO C 62 23.11 25.30 -5.45
C PRO C 62 23.46 23.91 -4.96
N GLU C 63 24.67 23.46 -5.29
CA GLU C 63 25.18 22.22 -4.73
C GLU C 63 25.58 22.42 -3.27
N PRO C 64 25.60 21.36 -2.48
CA PRO C 64 26.01 21.49 -1.08
C PRO C 64 27.30 22.24 -0.86
N HIS C 65 28.33 22.03 -1.68
CA HIS C 65 29.61 22.67 -1.44
C HIS C 65 29.53 24.19 -1.56
N GLU C 66 28.44 24.72 -2.12
CA GLU C 66 28.27 26.17 -2.31
C GLU C 66 27.56 26.82 -1.14
N LEU C 67 26.93 26.04 -0.26
CA LEU C 67 26.02 26.60 0.72
C LEU C 67 26.77 27.25 1.88
N PRO C 68 26.18 28.30 2.46
CA PRO C 68 26.80 29.00 3.58
C PRO C 68 26.58 28.33 4.92
N LEU C 69 27.46 28.67 5.86
CA LEU C 69 27.34 28.18 7.23
C LEU C 69 25.98 28.49 7.82
N LYS C 70 25.45 27.53 8.56
CA LYS C 70 24.16 27.59 9.26
C LYS C 70 22.96 27.43 8.33
N SER C 71 23.15 27.17 7.05
CA SER C 71 22.04 26.89 6.17
C SER C 71 21.68 25.41 6.24
N ASP C 72 20.47 25.09 5.75
CA ASP C 72 20.01 23.72 5.65
C ASP C 72 19.24 23.56 4.34
N TYR C 73 19.31 22.36 3.74
CA TYR C 73 18.28 21.91 2.79
C TYR C 73 17.39 20.88 3.49
N HIS C 74 16.08 20.94 3.23
CA HIS C 74 15.14 19.95 3.79
C HIS C 74 14.27 19.47 2.64
N VAL C 75 14.10 18.15 2.53
CA VAL C 75 13.20 17.58 1.51
C VAL C 75 12.20 16.70 2.27
N PHE C 76 10.96 17.15 2.35
CA PHE C 76 9.94 16.51 3.17
C PHE C 76 8.70 16.23 2.33
N ARG C 77 7.99 15.19 2.72
CA ARG C 77 6.78 14.87 1.98
C ARG C 77 5.79 16.02 2.01
N ASN C 78 5.00 16.16 0.94
CA ASN C 78 4.08 17.29 0.92
C ASN C 78 3.19 17.27 2.14
N ASP C 79 2.97 18.46 2.69
CA ASP C 79 2.13 18.73 3.85
C ASP C 79 2.79 18.38 5.16
N VAL C 80 4.09 18.06 5.17
CA VAL C 80 4.86 17.94 6.40
C VAL C 80 5.89 19.07 6.44
N ARG C 81 5.77 19.94 7.45
CA ARG C 81 6.81 20.97 7.62
C ARG C 81 8.06 20.34 8.24
N PRO C 82 9.25 20.85 7.89
CA PRO C 82 10.49 20.28 8.45
C PRO C 82 10.79 20.79 9.87
N GLU C 83 9.83 20.57 10.75
CA GLU C 83 9.87 21.13 12.11
C GLU C 83 9.41 20.08 13.12
N TRP C 84 10.05 20.06 14.29
CA TRP C 84 9.63 19.07 15.26
CA TRP C 84 9.68 19.17 15.39
C TRP C 84 8.21 19.33 15.77
N GLU C 85 7.67 20.55 15.62
CA GLU C 85 6.31 20.84 16.06
C GLU C 85 5.23 20.25 15.15
N ASP C 86 5.57 19.89 13.91
CA ASP C 86 4.58 19.30 13.02
C ASP C 86 4.12 17.97 13.61
N GLU C 87 2.81 17.74 13.60
CA GLU C 87 2.24 16.52 14.16
C GLU C 87 2.84 15.25 13.54
N ALA C 88 3.23 15.31 12.26
CA ALA C 88 3.79 14.12 11.64
C ALA C 88 5.17 13.79 12.19
N ASN C 89 5.89 14.77 12.75
CA ASN C 89 7.23 14.59 13.28
C ASN C 89 7.28 14.49 14.80
N ALA C 90 6.29 15.02 15.50
CA ALA C 90 6.43 15.28 16.94
C ALA C 90 6.72 14.02 17.77
N LYS C 91 6.25 12.84 17.35
CA LYS C 91 6.46 11.61 18.11
C LYS C 91 7.64 10.81 17.57
N GLY C 92 8.41 11.39 16.65
CA GLY C 92 9.54 10.71 16.07
C GLY C 92 10.89 11.29 16.44
N GLY C 93 11.81 11.28 15.50
CA GLY C 93 13.15 11.78 15.74
C GLY C 93 13.94 11.75 14.46
N LYS C 94 15.27 11.79 14.59
CA LYS C 94 16.10 11.75 13.39
C LYS C 94 17.30 10.84 13.58
N TRP C 95 17.63 10.07 12.53
CA TRP C 95 18.95 9.48 12.40
C TRP C 95 19.87 10.53 11.83
N SER C 96 20.99 10.79 12.49
CA SER C 96 21.92 11.82 12.04
C SER C 96 23.34 11.30 11.97
N PHE C 97 24.04 11.76 10.95
CA PHE C 97 25.44 11.48 10.72
C PHE C 97 26.16 12.82 10.55
N GLN C 98 27.26 13.01 11.25
CA GLN C 98 28.09 14.19 11.06
C GLN C 98 29.36 13.83 10.31
N LEU C 99 29.56 14.47 9.16
CA LEU C 99 30.74 14.30 8.34
C LEU C 99 31.77 15.26 8.87
N ARG C 100 32.71 14.78 9.65
CA ARG C 100 33.71 15.64 10.24
C ARG C 100 34.88 15.76 9.28
N GLY C 101 35.43 16.98 9.19
CA GLY C 101 36.64 17.22 8.42
C GLY C 101 36.43 17.82 7.05
N ALA C 102 37.29 17.41 6.10
CA ALA C 102 37.25 17.99 4.77
C ALA C 102 35.90 17.76 4.10
N GLY C 103 35.31 16.59 4.31
CA GLY C 103 34.00 16.30 3.73
C GLY C 103 33.92 16.59 2.25
N ALA C 104 34.96 16.22 1.49
CA ALA C 104 34.96 16.40 0.04
C ALA C 104 33.88 15.56 -0.66
N ASP C 105 33.29 14.60 0.02
CA ASP C 105 32.25 13.78 -0.59
C ASP C 105 30.85 14.35 -0.40
N ILE C 106 30.73 15.59 0.10
CA ILE C 106 29.43 16.08 0.54
C ILE C 106 28.41 16.06 -0.61
N ASP C 107 28.80 16.52 -1.82
CA ASP C 107 27.81 16.63 -2.88
C ASP C 107 27.27 15.25 -3.27
N GLU C 108 28.15 14.25 -3.38
CA GLU C 108 27.71 12.92 -3.76
C GLU C 108 26.92 12.26 -2.63
N LEU C 109 27.34 12.46 -1.38
CA LEU C 109 26.60 11.88 -0.28
C LEU C 109 25.20 12.42 -0.20
N TRP C 110 25.03 13.71 -0.46
CA TRP C 110 23.70 14.29 -0.42
C TRP C 110 22.86 13.77 -1.57
N LEU C 111 23.44 13.72 -2.77
CA LEU C 111 22.70 13.19 -3.89
C LEU C 111 22.23 11.75 -3.64
N ARG C 112 23.15 10.90 -3.15
CA ARG C 112 22.79 9.52 -2.86
C ARG C 112 21.66 9.46 -1.86
N THR C 113 21.74 10.29 -0.81
CA THR C 113 20.71 10.35 0.20
C THR C 113 19.37 10.75 -0.40
N LEU C 114 19.35 11.80 -1.22
CA LEU C 114 18.11 12.20 -1.85
C LEU C 114 17.52 11.11 -2.70
N LEU C 115 18.37 10.48 -3.52
CA LEU C 115 17.84 9.41 -4.38
C LEU C 115 17.22 8.28 -3.55
N ALA C 116 17.88 7.90 -2.47
CA ALA C 116 17.37 6.84 -1.63
C ALA C 116 16.05 7.22 -0.97
N VAL C 117 15.91 8.50 -0.59
CA VAL C 117 14.69 8.99 0.05
C VAL C 117 13.54 9.08 -0.95
N ILE C 118 13.73 9.80 -2.06
CA ILE C 118 12.63 9.91 -3.01
C ILE C 118 12.30 8.58 -3.70
N GLY C 119 13.29 7.71 -3.82
CA GLY C 119 13.10 6.38 -4.39
C GLY C 119 12.40 5.41 -3.47
N GLU C 120 12.18 5.77 -2.21
CA GLU C 120 11.55 4.88 -1.22
C GLU C 120 12.40 3.64 -0.98
N THR C 121 13.68 3.77 -1.23
CA THR C 121 14.64 2.68 -1.24
CA THR C 121 14.49 2.58 -1.24
C THR C 121 14.86 2.14 0.16
N ILE C 122 15.00 3.06 1.12
CA ILE C 122 15.41 2.69 2.46
C ILE C 122 14.33 2.84 3.52
N ASP C 123 13.21 3.46 3.20
CA ASP C 123 12.10 3.57 4.10
C ASP C 123 11.42 2.21 4.24
N GLU C 124 10.66 2.06 5.33
CA GLU C 124 9.72 0.97 5.43
C GLU C 124 8.57 1.17 4.45
N ASP C 125 7.96 0.08 4.00
CA ASP C 125 6.78 0.18 3.16
C ASP C 125 5.64 0.90 3.88
N ASP C 126 5.42 0.57 5.15
CA ASP C 126 4.57 1.35 6.06
C ASP C 126 5.42 2.52 6.54
N SER C 127 5.35 3.64 5.80
CA SER C 127 6.38 4.67 5.86
C SER C 127 6.65 5.20 7.26
N GLN C 128 7.96 5.32 7.53
CA GLN C 128 8.49 6.05 8.66
C GLN C 128 9.14 7.37 8.26
N ILE C 129 9.84 7.42 7.15
CA ILE C 129 10.62 8.60 6.79
C ILE C 129 9.69 9.68 6.29
N ASN C 130 9.72 10.84 6.95
CA ASN C 130 9.00 12.04 6.56
C ASN C 130 9.85 12.97 5.72
N GLY C 131 11.16 12.96 5.90
CA GLY C 131 12.00 13.93 5.22
C GLY C 131 13.45 13.71 5.55
N VAL C 132 14.29 14.50 4.89
CA VAL C 132 15.73 14.44 5.04
C VAL C 132 16.28 15.87 5.07
N VAL C 133 17.33 16.06 5.83
CA VAL C 133 17.90 17.38 6.08
C VAL C 133 19.40 17.33 5.94
N LEU C 134 19.95 18.28 5.17
CA LEU C 134 21.38 18.54 5.11
C LEU C 134 21.63 19.83 5.88
N SER C 135 22.52 19.77 6.88
CA SER C 135 22.84 20.94 7.71
C SER C 135 24.30 21.31 7.54
N ILE C 136 24.57 22.52 7.07
CA ILE C 136 25.92 23.02 6.88
C ILE C 136 26.35 23.68 8.19
N ARG C 137 27.41 23.16 8.82
CA ARG C 137 27.83 23.66 10.13
C ARG C 137 29.35 23.71 10.25
N LYS C 138 29.81 24.68 11.04
CA LYS C 138 31.26 24.84 11.20
C LYS C 138 31.91 23.59 11.81
N GLY C 139 31.20 22.87 12.69
CA GLY C 139 31.80 21.69 13.28
C GLY C 139 31.74 20.41 12.46
N GLY C 140 31.20 20.48 11.24
CA GLY C 140 30.99 19.33 10.39
C GLY C 140 29.58 19.30 9.88
N ASN C 141 29.42 19.03 8.59
CA ASN C 141 28.10 18.98 7.97
C ASN C 141 27.35 17.73 8.38
N LYS C 142 26.02 17.84 8.49
CA LYS C 142 25.22 16.72 8.97
C LYS C 142 24.14 16.30 7.98
N PHE C 143 23.86 15.01 8.00
CA PHE C 143 22.85 14.36 7.14
C PHE C 143 21.87 13.66 8.05
N ALA C 144 20.56 13.97 7.94
CA ALA C 144 19.63 13.40 8.88
C ALA C 144 18.35 12.95 8.19
N LEU C 145 17.84 11.78 8.63
CA LEU C 145 16.55 11.24 8.19
C LEU C 145 15.57 11.43 9.31
N TRP C 146 14.47 12.13 9.04
CA TRP C 146 13.45 12.42 10.04
C TRP C 146 12.34 11.38 9.93
N THR C 147 12.06 10.72 11.05
CA THR C 147 11.07 9.65 11.09
C THR C 147 9.85 10.04 11.89
N ALA C 148 8.73 9.38 11.60
CA ALA C 148 7.46 9.74 12.19
C ALA C 148 7.27 9.14 13.59
N SER C 149 8.07 8.13 13.92
CA SER C 149 7.95 7.45 15.19
C SER C 149 9.33 7.10 15.71
N GLU C 150 9.33 6.53 16.93
CA GLU C 150 10.51 5.93 17.52
C GLU C 150 10.49 4.40 17.45
N ASP C 151 9.70 3.81 16.54
CA ASP C 151 9.53 2.35 16.48
C ASP C 151 10.91 1.71 16.24
N LYS C 152 11.41 0.92 17.20
CA LYS C 152 12.82 0.54 17.18
C LYS C 152 13.17 -0.38 16.01
N GLU C 153 12.38 -1.43 15.76
CA GLU C 153 12.83 -2.35 14.70
C GLU C 153 12.81 -1.71 13.31
N PRO C 154 11.76 -0.95 12.95
CA PRO C 154 11.81 -0.18 11.70
C PRO C 154 12.98 0.79 11.69
N LEU C 155 13.27 1.46 12.81
CA LEU C 155 14.39 2.40 12.81
C LEU C 155 15.71 1.69 12.55
N LEU C 156 15.89 0.50 13.10
CA LEU C 156 17.15 -0.18 12.89
C LEU C 156 17.32 -0.65 11.44
N ARG C 157 16.22 -1.07 10.81
CA ARG C 157 16.30 -1.40 9.38
C ARG C 157 16.67 -0.19 8.55
N ILE C 158 16.01 0.95 8.81
CA ILE C 158 16.28 2.18 8.08
C ILE C 158 17.71 2.61 8.31
N GLY C 159 18.15 2.56 9.58
CA GLY C 159 19.48 3.01 9.93
C GLY C 159 20.57 2.19 9.25
N GLY C 160 20.37 0.86 9.19
CA GLY C 160 21.34 0.03 8.53
C GLY C 160 21.46 0.34 7.04
N LYS C 161 20.31 0.61 6.39
CA LYS C 161 20.34 0.98 4.98
C LYS C 161 20.99 2.35 4.79
N PHE C 162 20.66 3.32 5.66
CA PHE C 162 21.25 4.66 5.58
C PHE C 162 22.76 4.59 5.70
N LYS C 163 23.25 3.71 6.61
CA LYS C 163 24.69 3.52 6.76
C LYS C 163 25.35 3.16 5.42
N GLN C 164 24.70 2.29 4.63
CA GLN C 164 25.25 1.92 3.33
C GLN C 164 25.13 3.07 2.32
N VAL C 165 24.01 3.80 2.35
CA VAL C 165 23.86 4.98 1.49
C VAL C 165 24.99 5.97 1.73
N LEU C 166 25.40 6.13 3.00
CA LEU C 166 26.48 7.03 3.37
C LEU C 166 27.86 6.40 3.24
N ALA C 167 27.94 5.14 2.82
CA ALA C 167 29.21 4.44 2.63
C ALA C 167 30.04 4.38 3.92
N LEU C 168 29.35 4.13 5.03
CA LEU C 168 30.00 3.91 6.32
C LEU C 168 30.33 2.43 6.46
N THR C 169 31.57 2.15 6.82
CA THR C 169 32.04 0.78 6.88
C THR C 169 32.43 0.34 8.28
N ASP C 170 32.30 1.20 9.28
CA ASP C 170 32.48 0.78 10.66
C ASP C 170 31.35 1.37 11.49
N ASP C 171 31.39 1.07 12.79
CA ASP C 171 30.26 1.30 13.67
C ASP C 171 30.44 2.58 14.47
N GLY C 172 29.31 3.15 14.89
CA GLY C 172 29.31 4.24 15.85
C GLY C 172 29.02 5.59 15.27
N HIS C 173 28.90 5.70 13.94
CA HIS C 173 28.80 6.99 13.29
C HIS C 173 27.36 7.44 13.09
N LEU C 174 26.34 6.59 13.25
CA LEU C 174 24.95 7.02 13.11
C LEU C 174 24.24 7.01 14.45
N GLU C 175 23.56 8.09 14.76
CA GLU C 175 22.92 8.25 16.05
C GLU C 175 21.49 8.68 15.84
N PHE C 176 20.57 8.11 16.62
CA PHE C 176 19.16 8.48 16.56
C PHE C 176 18.82 9.37 17.74
N PHE C 177 18.25 10.53 17.45
CA PHE C 177 17.86 11.52 18.45
C PHE C 177 16.34 11.68 18.43
N PRO C 178 15.62 11.32 19.48
CA PRO C 178 14.19 11.63 19.56
C PRO C 178 13.98 13.14 19.54
N HIS C 179 12.89 13.59 18.92
CA HIS C 179 12.58 15.01 18.94
C HIS C 179 12.13 15.47 20.33
N SER C 180 11.42 14.62 21.07
CA SER C 180 11.01 14.97 22.43
C SER C 180 12.23 15.46 23.23
N GLN C 188 21.25 13.69 23.66
CA GLN C 188 21.61 12.30 23.95
C GLN C 188 20.93 11.34 22.95
N PRO C 189 21.70 10.54 22.22
CA PRO C 189 21.08 9.60 21.28
C PRO C 189 20.51 8.41 22.03
N SER C 190 19.40 7.89 21.48
CA SER C 190 18.74 6.71 22.03
C SER C 190 19.12 5.44 21.30
N ILE C 191 19.71 5.54 20.12
CA ILE C 191 20.26 4.40 19.38
C ILE C 191 21.55 4.87 18.70
N THR C 192 22.55 4.00 18.66
CA THR C 192 23.74 4.21 17.86
C THR C 192 23.98 2.98 16.98
N LEU C 193 24.32 3.23 15.72
CA LEU C 193 24.74 2.18 14.77
C LEU C 193 26.04 2.55 14.09
N GLY D 1 34.84 6.47 1.37
CA GLY D 1 33.75 7.28 0.85
C GLY D 1 32.88 6.56 -0.15
N PRO D 2 31.86 7.24 -0.68
CA PRO D 2 30.92 6.58 -1.57
C PRO D 2 31.50 6.41 -2.96
N HIS D 3 31.03 5.34 -3.61
CA HIS D 3 31.33 5.09 -5.00
C HIS D 3 30.10 4.55 -5.69
N MET D 4 30.03 4.79 -6.99
CA MET D 4 28.92 4.28 -7.79
C MET D 4 28.87 2.77 -7.80
N THR D 5 29.95 2.10 -7.45
CA THR D 5 30.00 0.64 -7.38
C THR D 5 29.39 0.06 -6.10
N ASP D 6 28.99 0.86 -5.15
CA ASP D 6 28.53 0.31 -3.89
C ASP D 6 27.25 -0.52 -4.13
N PRO D 7 27.16 -1.72 -3.54
CA PRO D 7 26.00 -2.58 -3.83
C PRO D 7 24.67 -1.96 -3.50
N ILE D 8 24.60 -1.10 -2.48
CA ILE D 8 23.34 -0.51 -2.10
C ILE D 8 22.72 0.26 -3.25
N THR D 9 23.53 0.71 -4.22
CA THR D 9 22.97 1.47 -5.34
C THR D 9 22.03 0.66 -6.23
N ASN D 10 22.07 -0.68 -6.14
CA ASN D 10 21.10 -1.52 -6.87
C ASN D 10 19.97 -2.05 -5.99
N TYR D 11 19.98 -1.75 -4.69
CA TYR D 11 18.98 -2.31 -3.81
C TYR D 11 17.63 -1.65 -4.04
N LYS D 12 16.60 -2.47 -4.07
CA LYS D 12 15.30 -1.90 -3.87
C LYS D 12 14.38 -2.90 -3.20
N PRO D 13 13.49 -2.44 -2.33
CA PRO D 13 12.56 -3.36 -1.69
C PRO D 13 11.54 -3.87 -2.69
N MET D 14 11.20 -5.13 -2.54
CA MET D 14 10.33 -5.84 -3.47
C MET D 14 9.10 -6.33 -2.73
N ASP D 15 8.12 -6.78 -3.50
CA ASP D 15 6.87 -7.34 -2.95
C ASP D 15 6.23 -6.38 -1.96
N LEU D 16 6.17 -5.11 -2.33
CA LEU D 16 5.58 -4.09 -1.45
C LEU D 16 4.07 -4.26 -1.40
N GLN D 17 3.47 -3.70 -0.34
CA GLN D 17 2.04 -3.68 -0.15
CA GLN D 17 2.03 -3.68 -0.15
C GLN D 17 1.42 -2.30 -0.28
N TYR D 18 2.08 -1.28 0.32
CA TYR D 18 1.56 0.08 0.34
C TYR D 18 1.98 0.87 -0.89
N LYS D 19 3.25 0.85 -1.24
CA LYS D 19 3.79 1.77 -2.23
C LYS D 19 3.91 1.09 -3.58
N THR D 20 3.45 1.80 -4.64
CA THR D 20 3.73 1.36 -6.01
C THR D 20 5.13 1.73 -6.44
N TYR D 21 5.51 3.01 -6.23
CA TYR D 21 6.71 3.57 -6.83
C TYR D 21 7.90 3.50 -5.89
N ALA D 22 8.76 2.53 -6.11
CA ALA D 22 10.05 2.42 -5.46
C ALA D 22 11.08 2.22 -6.55
N TYR D 23 12.25 2.81 -6.36
CA TYR D 23 13.29 2.79 -7.35
C TYR D 23 14.61 2.56 -6.65
N SER D 24 15.51 1.85 -7.29
CA SER D 24 16.88 1.85 -6.82
C SER D 24 17.55 3.17 -7.14
N MET D 25 18.66 3.41 -6.45
CA MET D 25 19.44 4.61 -6.72
CA MET D 25 19.41 4.62 -6.73
C MET D 25 19.90 4.63 -8.16
N ASN D 26 20.35 3.48 -8.67
CA ASN D 26 20.80 3.41 -10.04
C ASN D 26 19.66 3.65 -11.04
N GLU D 27 18.44 3.16 -10.75
CA GLU D 27 17.32 3.45 -11.66
C GLU D 27 17.08 4.95 -11.74
N LEU D 28 17.14 5.64 -10.60
CA LEU D 28 16.94 7.09 -10.62
C LEU D 28 18.11 7.82 -11.29
N TYR D 29 19.34 7.36 -11.06
CA TYR D 29 20.50 8.01 -11.66
C TYR D 29 20.49 7.84 -13.17
N HIS D 30 20.01 6.69 -13.66
CA HIS D 30 19.92 6.51 -15.09
CA HIS D 30 19.91 6.50 -15.09
C HIS D 30 18.90 7.44 -15.75
N LEU D 31 17.96 8.01 -14.98
CA LEU D 31 17.01 8.99 -15.51
C LEU D 31 17.54 10.44 -15.45
N LYS D 32 18.76 10.67 -14.99
CA LYS D 32 19.34 12.01 -15.00
C LYS D 32 19.42 12.57 -16.42
N PRO D 33 19.14 13.89 -16.63
CA PRO D 33 19.45 14.50 -17.92
C PRO D 33 20.94 14.38 -18.21
N GLU D 42 11.05 19.66 -26.08
CA GLU D 42 11.04 20.38 -24.79
C GLU D 42 9.79 20.08 -23.95
N ASP D 43 9.96 19.87 -22.65
CA ASP D 43 8.83 19.62 -21.76
C ASP D 43 8.45 20.94 -21.11
N PRO D 44 7.40 21.62 -21.55
CA PRO D 44 7.12 22.99 -21.08
C PRO D 44 6.68 23.07 -19.61
N LEU D 45 6.09 22.02 -19.08
CA LEU D 45 5.60 22.06 -17.71
C LEU D 45 6.77 22.03 -16.72
N ILE D 46 7.77 21.22 -17.01
CA ILE D 46 8.98 21.34 -16.24
C ILE D 46 9.65 22.70 -16.46
N SER D 47 9.65 23.21 -17.70
CA SER D 47 10.28 24.51 -17.91
C SER D 47 9.66 25.55 -16.99
N GLU D 48 8.37 25.45 -16.76
CA GLU D 48 7.69 26.37 -15.85
C GLU D 48 8.15 26.17 -14.41
N LEU D 49 8.23 24.93 -13.96
CA LEU D 49 8.75 24.65 -12.63
C LEU D 49 10.12 25.29 -12.43
N VAL D 50 10.99 25.14 -13.43
CA VAL D 50 12.34 25.68 -13.27
C VAL D 50 12.30 27.20 -13.22
N ARG D 51 11.46 27.84 -14.05
CA ARG D 51 11.39 29.30 -14.00
C ARG D 51 10.84 29.84 -12.69
N SER D 52 10.13 29.04 -11.90
CA SER D 52 9.60 29.48 -10.63
C SER D 52 10.60 29.31 -9.49
N LEU D 53 11.77 28.71 -9.74
CA LEU D 53 12.77 28.60 -8.72
C LEU D 53 13.29 29.99 -8.34
N PRO D 54 13.81 30.15 -7.12
CA PRO D 54 14.26 31.47 -6.69
C PRO D 54 15.47 31.92 -7.48
N LYS D 55 15.60 33.24 -7.58
CA LYS D 55 16.81 33.86 -8.09
C LYS D 55 17.96 33.66 -7.11
N ARG D 56 19.19 33.83 -7.63
CA ARG D 56 20.40 33.53 -6.87
C ARG D 56 20.43 34.20 -5.50
N LYS D 57 19.94 35.44 -5.41
CA LYS D 57 20.02 36.20 -4.17
C LYS D 57 19.31 35.52 -3.01
N PHE D 58 18.34 34.65 -3.29
CA PHE D 58 17.56 34.01 -2.23
C PHE D 58 18.46 33.21 -1.31
N TRP D 59 19.46 32.53 -1.87
CA TRP D 59 20.22 31.54 -1.10
C TRP D 59 21.24 32.18 -0.17
N ARG D 60 21.59 33.45 -0.38
CA ARG D 60 22.61 34.12 0.44
C ARG D 60 23.93 33.37 0.40
N LEU D 61 24.36 33.03 -0.81
CA LEU D 61 25.67 32.40 -1.00
C LEU D 61 26.83 33.36 -0.57
#